data_5K8T
#
_entry.id   5K8T
#
_cell.length_a   63.950
_cell.length_b   53.420
_cell.length_c   65.390
_cell.angle_alpha   90.00
_cell.angle_beta   105.04
_cell.angle_gamma   90.00
#
_symmetry.space_group_name_H-M   'P 1 21 1'
#
loop_
_entity.id
_entity.type
_entity.pdbx_description
1 polymer 'ZIKV NS3 helicase'
2 non-polymer "5'-GUANOSINE-DIPHOSPHATE-MONOTHIOPHOSPHATE"
3 non-polymer 'CHLORIDE ION'
4 non-polymer 'MAGNESIUM ION'
5 water water
#
_entity_poly.entity_id   1
_entity_poly.type   'polypeptide(L)'
_entity_poly.pdbx_seq_one_letter_code
;GSVDGRREEETPVECFEPSMLKKKQLTVLDLHPGAGKTRRVLPEIVREAIKTRLRTVILAPTRVVAAEMEEALRGLPVRY
MTTAVNVTHSGTEIVDLMCHATFTSRLLQPIRVPNYNLYIMDEAHFTDPSSIAARGYISTRVEMGEAAAIFMTATPPGTR
DAFPDSNSPIMDTEVEVPERAWSSGFDWVTDHSGKTVWFVPSVRNGNEIAACLTKAGKRVIQLSRKTFETEFQKTKHQEW
DFVVTTDISEMGANFKADRVIDSRRCLKPVILDGERVILAGPMPVTHASAAQRRGRIGRNPNKPGDEYLYGGGCAETDED
HAHWLEARMLLDNIYLQDGLIASLYRPEADKVAAIEGEFKLRTEQRKTFVELMKRGDLPVWLAYQVASAGITYTDRRWCF
DGTTNNTIMEDSVPAEVWTRHGEKRVLKPRWMDARVCSDHAALKSFKEFAAGKRAAAS
;
_entity_poly.pdbx_strand_id   A
#
loop_
_chem_comp.id
_chem_comp.type
_chem_comp.name
_chem_comp.formula
CL non-polymer 'CHLORIDE ION' 'Cl -1'
GSP non-polymer 5'-GUANOSINE-DIPHOSPHATE-MONOTHIOPHOSPHATE 'C10 H16 N5 O13 P3 S'
MG non-polymer 'MAGNESIUM ION' 'Mg 2'
#
# COMPACT_ATOMS: atom_id res chain seq x y z
N GLU A 10 4.96 1.06 -25.38
CA GLU A 10 5.93 0.86 -24.31
C GLU A 10 6.11 2.14 -23.50
N THR A 11 5.99 3.29 -24.19
CA THR A 11 6.12 4.61 -23.57
C THR A 11 4.76 5.08 -23.03
N PRO A 12 4.75 5.72 -21.87
CA PRO A 12 3.49 6.21 -21.30
C PRO A 12 2.88 7.36 -22.11
N VAL A 13 1.56 7.51 -21.96
CA VAL A 13 0.77 8.47 -22.74
C VAL A 13 0.09 9.46 -21.81
N GLU A 14 -0.39 10.56 -22.40
CA GLU A 14 -1.01 11.65 -21.64
C GLU A 14 -2.49 11.83 -21.90
N CYS A 15 -3.09 11.14 -22.86
CA CYS A 15 -4.52 11.25 -23.07
C CYS A 15 -5.09 9.89 -23.44
N PHE A 16 -6.34 9.66 -23.05
CA PHE A 16 -7.02 8.41 -23.39
C PHE A 16 -7.47 8.41 -24.84
N GLU A 17 -7.23 7.30 -25.53
CA GLU A 17 -7.65 7.12 -26.91
C GLU A 17 -8.38 5.78 -27.03
N PRO A 18 -9.50 5.71 -27.75
CA PRO A 18 -10.30 4.47 -27.74
C PRO A 18 -9.56 3.23 -28.23
N SER A 19 -8.51 3.37 -29.05
CA SER A 19 -7.79 2.16 -29.46
C SER A 19 -6.98 1.54 -28.33
N MET A 20 -6.91 2.19 -27.16
CA MET A 20 -6.27 1.59 -26.01
C MET A 20 -7.08 0.45 -25.42
N LEU A 21 -8.34 0.29 -25.82
CA LEU A 21 -9.22 -0.71 -25.23
C LEU A 21 -9.21 -2.03 -25.98
N LYS A 22 -8.40 -2.18 -27.02
CA LYS A 22 -8.38 -3.45 -27.76
C LYS A 22 -7.36 -4.40 -27.16
N LYS A 23 -7.63 -5.70 -27.31
CA LYS A 23 -6.83 -6.71 -26.63
C LYS A 23 -5.35 -6.63 -27.03
N LYS A 24 -4.49 -7.00 -26.08
CA LYS A 24 -3.03 -6.99 -26.14
C LYS A 24 -2.44 -5.60 -25.89
N GLN A 25 -3.26 -4.57 -25.70
CA GLN A 25 -2.78 -3.22 -25.39
C GLN A 25 -2.60 -3.08 -23.88
N LEU A 26 -1.39 -2.70 -23.44
CA LEU A 26 -1.16 -2.22 -22.08
C LEU A 26 -0.68 -0.78 -22.17
N THR A 27 -1.41 0.13 -21.54
CA THR A 27 -1.15 1.56 -21.64
C THR A 27 -0.94 2.13 -20.24
N VAL A 28 0.10 2.93 -20.08
CA VAL A 28 0.35 3.64 -18.82
C VAL A 28 -0.01 5.10 -19.04
N LEU A 29 -1.03 5.57 -18.31
CA LEU A 29 -1.46 6.96 -18.35
C LEU A 29 -0.72 7.70 -17.24
N ASP A 30 0.20 8.61 -17.61
CA ASP A 30 1.10 9.24 -16.65
C ASP A 30 0.94 10.76 -16.55
N LEU A 31 -0.28 11.28 -16.61
CA LEU A 31 -0.48 12.71 -16.39
C LEU A 31 0.04 13.09 -15.01
N HIS A 32 0.53 14.33 -14.87
CA HIS A 32 1.15 14.75 -13.62
C HIS A 32 0.13 14.72 -12.47
N PRO A 33 0.59 14.74 -11.21
CA PRO A 33 -0.35 14.66 -10.09
C PRO A 33 -1.42 15.74 -10.15
N GLY A 34 -2.67 15.34 -9.95
CA GLY A 34 -3.78 16.27 -10.00
C GLY A 34 -4.19 16.74 -11.37
N ALA A 35 -3.65 16.18 -12.45
CA ALA A 35 -4.06 16.62 -13.77
C ALA A 35 -5.49 16.18 -14.10
N GLY A 36 -6.05 15.23 -13.35
CA GLY A 36 -7.41 14.78 -13.58
C GLY A 36 -7.53 13.33 -14.03
N LYS A 37 -6.57 12.49 -13.67
CA LYS A 37 -6.59 11.09 -14.09
C LYS A 37 -7.77 10.34 -13.48
N THR A 38 -7.89 10.38 -12.15
CA THR A 38 -8.97 9.66 -11.48
C THR A 38 -10.32 10.33 -11.72
N ARG A 39 -10.35 11.65 -11.84
CA ARG A 39 -11.56 12.44 -11.78
C ARG A 39 -12.16 12.67 -13.15
N ARG A 40 -11.33 12.80 -14.18
CA ARG A 40 -11.83 13.14 -15.49
C ARG A 40 -11.54 12.08 -16.54
N VAL A 41 -10.33 11.51 -16.57
CA VAL A 41 -10.03 10.50 -17.57
C VAL A 41 -10.74 9.19 -17.27
N LEU A 42 -10.78 8.78 -16.00
CA LEU A 42 -11.42 7.51 -15.64
C LEU A 42 -12.88 7.42 -16.08
N PRO A 43 -13.75 8.39 -15.78
CA PRO A 43 -15.14 8.30 -16.27
C PRO A 43 -15.25 8.25 -17.78
N GLU A 44 -14.31 8.85 -18.51
CA GLU A 44 -14.36 8.78 -19.97
C GLU A 44 -14.06 7.36 -20.45
N ILE A 45 -13.06 6.72 -19.86
CA ILE A 45 -12.75 5.33 -20.20
C ILE A 45 -13.94 4.43 -19.91
N VAL A 46 -14.59 4.61 -18.75
CA VAL A 46 -15.68 3.72 -18.37
C VAL A 46 -16.83 3.85 -19.38
N ARG A 47 -17.12 5.08 -19.81
CA ARG A 47 -18.16 5.28 -20.82
C ARG A 47 -17.84 4.52 -22.10
N GLU A 48 -16.60 4.64 -22.59
CA GLU A 48 -16.23 3.98 -23.83
C GLU A 48 -16.22 2.46 -23.68
N ALA A 49 -15.87 1.94 -22.49
CA ALA A 49 -15.95 0.50 -22.28
C ALA A 49 -17.38 0.00 -22.32
N ILE A 50 -18.30 0.71 -21.67
CA ILE A 50 -19.72 0.35 -21.71
C ILE A 50 -20.23 0.43 -23.14
N LYS A 51 -19.79 1.44 -23.89
CA LYS A 51 -20.25 1.60 -25.27
C LYS A 51 -19.77 0.47 -26.15
N THR A 52 -18.67 -0.18 -25.80
CA THR A 52 -18.12 -1.24 -26.65
C THR A 52 -18.36 -2.63 -26.07
N ARG A 53 -19.17 -2.74 -25.01
CA ARG A 53 -19.58 -4.04 -24.42
C ARG A 53 -18.39 -4.82 -23.84
N LEU A 54 -17.40 -4.12 -23.31
CA LEU A 54 -16.29 -4.82 -22.68
C LEU A 54 -16.69 -5.31 -21.29
N ARG A 55 -16.05 -6.38 -20.84
CA ARG A 55 -16.19 -6.85 -19.47
C ARG A 55 -15.05 -6.18 -18.70
N THR A 56 -15.40 -5.28 -17.80
CA THR A 56 -14.44 -4.33 -17.23
C THR A 56 -14.39 -4.44 -15.72
N VAL A 57 -13.18 -4.33 -15.17
CA VAL A 57 -13.00 -4.14 -13.73
C VAL A 57 -12.15 -2.90 -13.49
N ILE A 58 -12.55 -2.12 -12.50
CA ILE A 58 -11.79 -0.97 -12.03
C ILE A 58 -11.21 -1.31 -10.67
N LEU A 59 -9.92 -1.07 -10.50
CA LEU A 59 -9.19 -1.42 -9.29
C LEU A 59 -8.70 -0.14 -8.63
N ALA A 60 -9.25 0.17 -7.44
CA ALA A 60 -8.88 1.30 -6.59
C ALA A 60 -7.85 0.87 -5.55
N PRO A 61 -6.93 1.75 -5.16
CA PRO A 61 -5.93 1.34 -4.15
C PRO A 61 -6.51 1.10 -2.76
N THR A 62 -7.57 1.82 -2.38
CA THR A 62 -8.14 1.70 -1.05
C THR A 62 -9.65 1.82 -1.15
N ARG A 63 -10.36 1.35 -0.13
CA ARG A 63 -11.82 1.44 -0.20
C ARG A 63 -12.28 2.89 -0.09
N VAL A 64 -11.47 3.75 0.54
CA VAL A 64 -11.78 5.18 0.55
C VAL A 64 -11.89 5.70 -0.88
N VAL A 65 -10.87 5.44 -1.70
CA VAL A 65 -10.90 5.90 -3.08
C VAL A 65 -12.00 5.16 -3.86
N ALA A 66 -12.21 3.88 -3.59
CA ALA A 66 -13.31 3.16 -4.22
C ALA A 66 -14.65 3.84 -3.93
N ALA A 67 -14.87 4.19 -2.65
CA ALA A 67 -16.11 4.87 -2.29
C ALA A 67 -16.22 6.20 -3.01
N GLU A 68 -15.09 6.90 -3.17
CA GLU A 68 -15.08 8.13 -3.95
C GLU A 68 -15.47 7.89 -5.40
N MET A 69 -14.86 6.89 -6.04
CA MET A 69 -15.16 6.64 -7.44
C MET A 69 -16.60 6.17 -7.63
N GLU A 70 -17.13 5.41 -6.67
CA GLU A 70 -18.51 4.95 -6.76
C GLU A 70 -19.48 6.12 -6.85
N GLU A 71 -19.14 7.24 -6.20
CA GLU A 71 -20.02 8.41 -6.28
C GLU A 71 -19.77 9.21 -7.55
N ALA A 72 -18.50 9.34 -7.97
CA ALA A 72 -18.23 10.02 -9.23
C ALA A 72 -18.80 9.24 -10.41
N LEU A 73 -18.87 7.91 -10.31
CA LEU A 73 -19.43 7.08 -11.35
C LEU A 73 -20.92 6.82 -11.15
N ARG A 74 -21.54 7.46 -10.18
CA ARG A 74 -22.98 7.31 -9.97
C ARG A 74 -23.74 7.64 -11.25
N GLY A 75 -24.79 6.90 -11.51
CA GLY A 75 -25.53 7.04 -12.75
C GLY A 75 -25.01 6.18 -13.88
N LEU A 76 -23.89 5.47 -13.68
CA LEU A 76 -23.46 4.44 -14.62
C LEU A 76 -23.66 3.06 -13.99
N PRO A 77 -23.83 2.01 -14.80
CA PRO A 77 -23.96 0.67 -14.23
C PRO A 77 -22.63 0.15 -13.72
N VAL A 78 -22.24 0.56 -12.51
CA VAL A 78 -20.98 0.17 -11.89
C VAL A 78 -21.31 -0.54 -10.58
N ARG A 79 -21.01 -1.84 -10.51
CA ARG A 79 -21.22 -2.66 -9.31
C ARG A 79 -19.98 -2.57 -8.42
N TYR A 80 -20.16 -2.02 -7.22
CA TYR A 80 -19.07 -1.97 -6.23
C TYR A 80 -19.11 -3.26 -5.41
N MET A 81 -17.97 -3.95 -5.35
CA MET A 81 -17.85 -5.22 -4.65
C MET A 81 -16.95 -5.14 -3.43
N ILE A 94 -22.22 -4.48 -17.15
CA ILE A 94 -21.97 -3.94 -15.83
C ILE A 94 -20.45 -3.90 -15.56
N VAL A 95 -19.98 -2.79 -15.00
CA VAL A 95 -18.58 -2.59 -14.69
C VAL A 95 -18.36 -2.92 -13.22
N ASP A 96 -17.35 -3.73 -12.92
CA ASP A 96 -17.05 -4.07 -11.53
C ASP A 96 -16.04 -3.10 -10.93
N LEU A 97 -16.24 -2.76 -9.67
CA LEU A 97 -15.36 -1.86 -8.93
C LEU A 97 -14.90 -2.54 -7.66
N MET A 98 -13.58 -2.59 -7.43
CA MET A 98 -13.07 -3.16 -6.19
C MET A 98 -11.66 -2.62 -5.92
N CYS A 99 -11.13 -2.89 -4.72
CA CYS A 99 -9.79 -2.47 -4.39
CA CYS A 99 -9.78 -2.43 -4.46
C CYS A 99 -8.76 -3.48 -4.90
N HIS A 100 -7.49 -3.05 -4.97
CA HIS A 100 -6.40 -3.94 -5.39
C HIS A 100 -6.37 -5.21 -4.55
N ALA A 101 -6.39 -5.06 -3.22
CA ALA A 101 -6.32 -6.18 -2.30
C ALA A 101 -7.51 -7.13 -2.46
N THR A 102 -8.71 -6.59 -2.69
CA THR A 102 -9.89 -7.43 -2.93
C THR A 102 -9.74 -8.25 -4.22
N PHE A 103 -9.18 -7.63 -5.26
CA PHE A 103 -8.95 -8.33 -6.51
C PHE A 103 -7.97 -9.49 -6.33
N THR A 104 -6.79 -9.22 -5.77
CA THR A 104 -5.81 -10.29 -5.55
C THR A 104 -6.36 -11.35 -4.62
N SER A 105 -7.19 -10.94 -3.65
CA SER A 105 -7.80 -11.89 -2.72
C SER A 105 -8.73 -12.86 -3.45
N ARG A 106 -9.53 -12.36 -4.39
CA ARG A 106 -10.41 -13.25 -5.15
C ARG A 106 -9.61 -14.21 -6.02
N LEU A 107 -8.49 -13.74 -6.60
CA LEU A 107 -7.66 -14.60 -7.41
C LEU A 107 -7.10 -15.78 -6.64
N LEU A 108 -6.99 -15.63 -5.31
CA LEU A 108 -6.41 -16.65 -4.43
C LEU A 108 -7.44 -17.65 -3.92
N GLN A 109 -8.69 -17.55 -4.33
CA GLN A 109 -9.73 -18.52 -3.96
C GLN A 109 -10.16 -19.31 -5.20
N PRO A 110 -10.76 -20.50 -5.01
CA PRO A 110 -11.32 -21.24 -6.17
C PRO A 110 -12.52 -20.54 -6.80
N ILE A 111 -12.81 -19.30 -6.38
CA ILE A 111 -13.89 -18.47 -6.91
C ILE A 111 -13.34 -17.87 -8.20
N ARG A 112 -13.15 -18.71 -9.21
CA ARG A 112 -12.42 -18.31 -10.41
C ARG A 112 -13.04 -17.06 -11.02
N VAL A 113 -12.27 -15.98 -11.00
CA VAL A 113 -12.68 -14.60 -11.28
C VAL A 113 -13.23 -14.50 -12.70
N PRO A 114 -14.15 -13.58 -12.98
CA PRO A 114 -14.60 -13.38 -14.36
C PRO A 114 -13.43 -13.09 -15.28
N ASN A 115 -13.59 -13.45 -16.54
N ASN A 115 -13.56 -13.50 -16.53
CA ASN A 115 -12.59 -13.19 -17.57
CA ASN A 115 -12.54 -13.19 -17.52
C ASN A 115 -12.84 -11.79 -18.13
C ASN A 115 -12.85 -11.81 -18.09
N TYR A 116 -12.45 -10.78 -17.34
CA TYR A 116 -12.53 -9.42 -17.84
C TYR A 116 -11.64 -9.29 -19.07
N ASN A 117 -12.09 -8.52 -20.07
CA ASN A 117 -11.17 -8.17 -21.13
C ASN A 117 -10.68 -6.74 -21.04
N LEU A 118 -11.05 -6.01 -19.98
CA LEU A 118 -10.45 -4.70 -19.71
C LEU A 118 -10.22 -4.56 -18.20
N TYR A 119 -8.96 -4.29 -17.83
CA TYR A 119 -8.56 -3.97 -16.46
C TYR A 119 -8.12 -2.51 -16.40
N ILE A 120 -8.72 -1.74 -15.52
CA ILE A 120 -8.30 -0.38 -15.24
C ILE A 120 -7.78 -0.35 -13.82
N MET A 121 -6.49 -0.08 -13.66
CA MET A 121 -5.88 0.00 -12.33
C MET A 121 -5.49 1.44 -12.03
N ASP A 122 -6.16 2.05 -11.06
CA ASP A 122 -5.85 3.39 -10.64
C ASP A 122 -4.82 3.39 -9.51
N GLU A 123 -3.99 4.44 -9.49
CA GLU A 123 -2.84 4.54 -8.60
C GLU A 123 -1.97 3.30 -8.71
N ALA A 124 -1.60 3.00 -9.96
CA ALA A 124 -0.81 1.84 -10.34
C ALA A 124 0.62 1.85 -9.81
N HIS A 125 1.02 2.86 -9.05
CA HIS A 125 2.34 2.89 -8.42
C HIS A 125 2.38 2.21 -7.05
N PHE A 126 1.24 1.78 -6.51
CA PHE A 126 1.17 1.22 -5.15
C PHE A 126 2.04 -0.04 -5.03
N THR A 127 2.93 -0.06 -4.01
CA THR A 127 3.97 -1.10 -3.90
C THR A 127 3.68 -2.14 -2.82
N ASP A 128 2.45 -2.21 -2.32
CA ASP A 128 2.14 -3.30 -1.42
C ASP A 128 2.07 -4.62 -2.21
N PRO A 129 2.28 -5.76 -1.55
CA PRO A 129 2.39 -7.02 -2.30
C PRO A 129 1.17 -7.38 -3.11
N SER A 130 -0.04 -7.11 -2.60
CA SER A 130 -1.22 -7.45 -3.37
CA SER A 130 -1.23 -7.45 -3.37
C SER A 130 -1.35 -6.60 -4.64
N SER A 131 -0.84 -5.36 -4.62
CA SER A 131 -0.90 -4.52 -5.82
C SER A 131 0.14 -4.92 -6.86
N ILE A 132 1.36 -5.20 -6.41
CA ILE A 132 2.37 -5.76 -7.31
C ILE A 132 1.85 -7.05 -7.95
N ALA A 133 1.22 -7.92 -7.16
CA ALA A 133 0.76 -9.19 -7.74
C ALA A 133 -0.37 -8.95 -8.73
N ALA A 134 -1.27 -8.00 -8.43
CA ALA A 134 -2.32 -7.65 -9.37
C ALA A 134 -1.74 -7.15 -10.70
N ARG A 135 -0.67 -6.35 -10.66
CA ARG A 135 -0.12 -5.87 -11.94
C ARG A 135 0.50 -7.01 -12.74
N GLY A 136 1.16 -7.94 -12.05
CA GLY A 136 1.72 -9.09 -12.75
C GLY A 136 0.66 -9.93 -13.42
N TYR A 137 -0.40 -10.28 -12.68
CA TYR A 137 -1.52 -11.03 -13.25
C TYR A 137 -2.11 -10.29 -14.45
N ILE A 138 -2.39 -8.99 -14.30
CA ILE A 138 -3.03 -8.25 -15.39
C ILE A 138 -2.13 -8.19 -16.60
N SER A 139 -0.85 -7.89 -16.39
CA SER A 139 0.01 -7.73 -17.56
C SER A 139 0.22 -9.07 -18.25
N THR A 140 0.19 -10.17 -17.51
CA THR A 140 0.26 -11.50 -18.10
C THR A 140 -0.98 -11.78 -18.96
N ARG A 141 -2.18 -11.42 -18.48
CA ARG A 141 -3.36 -11.64 -19.31
CA ARG A 141 -3.39 -11.61 -19.28
C ARG A 141 -3.34 -10.79 -20.56
N VAL A 142 -2.78 -9.59 -20.49
CA VAL A 142 -2.67 -8.75 -21.68
C VAL A 142 -1.71 -9.40 -22.67
N GLU A 143 -0.55 -9.89 -22.19
CA GLU A 143 0.43 -10.53 -23.07
C GLU A 143 -0.08 -11.85 -23.63
N MET A 144 -1.00 -12.51 -22.92
CA MET A 144 -1.68 -13.68 -23.45
C MET A 144 -2.67 -13.32 -24.55
N GLY A 145 -2.90 -12.03 -24.79
CA GLY A 145 -3.88 -11.63 -25.77
C GLY A 145 -5.32 -11.74 -25.31
N GLU A 146 -5.55 -11.91 -24.01
CA GLU A 146 -6.90 -12.09 -23.50
C GLU A 146 -7.54 -10.80 -23.00
N ALA A 147 -6.76 -9.72 -22.85
CA ALA A 147 -7.33 -8.49 -22.27
C ALA A 147 -6.55 -7.27 -22.76
N ALA A 148 -7.14 -6.12 -22.51
CA ALA A 148 -6.42 -4.84 -22.52
C ALA A 148 -6.35 -4.32 -21.08
N ALA A 149 -5.35 -3.48 -20.81
CA ALA A 149 -5.22 -2.89 -19.48
C ALA A 149 -4.72 -1.45 -19.57
N ILE A 150 -5.17 -0.65 -18.61
CA ILE A 150 -4.70 0.73 -18.45
C ILE A 150 -4.23 0.91 -17.00
N PHE A 151 -2.95 1.20 -16.82
CA PHE A 151 -2.41 1.55 -15.51
C PHE A 151 -2.34 3.07 -15.41
N MET A 152 -3.02 3.64 -14.43
CA MET A 152 -3.00 5.09 -14.25
C MET A 152 -2.10 5.46 -13.08
N THR A 153 -1.07 6.27 -13.34
CA THR A 153 -0.26 6.79 -12.25
C THR A 153 0.61 7.93 -12.74
N ALA A 154 0.80 8.95 -11.88
CA ALA A 154 1.74 10.01 -12.23
C ALA A 154 3.20 9.53 -12.17
N THR A 155 3.47 8.41 -11.50
CA THR A 155 4.84 7.98 -11.20
C THR A 155 4.99 6.50 -11.53
N PRO A 156 5.16 6.16 -12.81
CA PRO A 156 5.36 4.76 -13.20
C PRO A 156 6.72 4.24 -12.75
N PRO A 157 6.90 2.92 -12.70
CA PRO A 157 8.19 2.36 -12.27
C PRO A 157 9.36 2.89 -13.10
N GLY A 158 10.47 3.13 -12.43
CA GLY A 158 11.60 3.75 -13.06
C GLY A 158 11.65 5.25 -13.00
N THR A 159 10.57 5.90 -12.52
CA THR A 159 10.54 7.35 -12.40
C THR A 159 11.74 7.85 -11.61
N ARG A 160 12.41 8.87 -12.14
CA ARG A 160 13.55 9.50 -11.46
C ARG A 160 13.34 10.98 -11.23
N ASP A 161 12.11 11.47 -11.35
CA ASP A 161 11.80 12.88 -11.17
C ASP A 161 11.00 13.04 -9.87
N ALA A 162 11.62 13.63 -8.88
CA ALA A 162 10.91 13.85 -7.63
C ALA A 162 10.04 15.10 -7.66
N PHE A 163 10.13 15.92 -8.72
CA PHE A 163 9.51 17.24 -8.75
C PHE A 163 8.69 17.45 -10.03
N PRO A 164 7.68 16.61 -10.28
CA PRO A 164 6.91 16.77 -11.53
C PRO A 164 6.04 18.01 -11.55
N ASP A 165 5.32 18.22 -12.67
CA ASP A 165 4.39 19.33 -12.83
C ASP A 165 3.23 19.25 -11.83
N SER A 166 2.56 20.38 -11.63
CA SER A 166 1.43 20.47 -10.72
C SER A 166 0.49 21.52 -11.26
N ASN A 167 -0.76 21.51 -10.77
CA ASN A 167 -1.75 22.49 -11.25
C ASN A 167 -1.37 23.90 -10.87
N SER A 168 -0.71 24.08 -9.73
CA SER A 168 -0.22 25.38 -9.30
C SER A 168 1.22 25.23 -8.86
N PRO A 169 2.05 26.27 -9.02
CA PRO A 169 3.47 26.13 -8.68
C PRO A 169 3.66 25.86 -7.20
N ILE A 170 4.64 25.02 -6.88
CA ILE A 170 4.97 24.63 -5.51
C ILE A 170 6.30 25.26 -5.13
N MET A 171 6.39 25.77 -3.91
CA MET A 171 7.63 26.25 -3.34
C MET A 171 8.32 25.10 -2.62
N ASP A 172 9.43 24.60 -3.19
CA ASP A 172 10.20 23.48 -2.66
C ASP A 172 11.37 24.00 -1.85
N THR A 173 11.55 23.49 -0.63
CA THR A 173 12.67 23.91 0.20
C THR A 173 13.23 22.75 0.99
N GLU A 174 14.54 22.49 0.89
CA GLU A 174 15.17 21.49 1.72
CA GLU A 174 15.21 21.50 1.71
C GLU A 174 15.46 22.08 3.10
N VAL A 175 15.05 21.36 4.15
CA VAL A 175 15.16 21.82 5.53
C VAL A 175 15.40 20.62 6.42
N GLU A 176 15.88 20.88 7.64
CA GLU A 176 15.97 19.82 8.63
C GLU A 176 14.58 19.54 9.20
N VAL A 177 14.10 18.32 9.04
CA VAL A 177 12.76 17.91 9.47
C VAL A 177 12.90 17.12 10.76
N PRO A 178 12.17 17.47 11.82
CA PRO A 178 12.30 16.72 13.09
C PRO A 178 11.95 15.25 12.90
N GLU A 179 12.78 14.38 13.47
CA GLU A 179 12.54 12.95 13.41
C GLU A 179 12.07 12.38 14.73
N ARG A 180 12.03 13.21 15.77
CA ARG A 180 11.57 12.85 17.10
C ARG A 180 10.95 14.11 17.69
N ALA A 181 10.32 13.96 18.86
CA ALA A 181 9.73 15.12 19.52
C ALA A 181 10.82 16.15 19.85
N TRP A 182 10.43 17.43 19.88
CA TRP A 182 11.36 18.51 20.17
C TRP A 182 10.78 19.42 21.23
N SER A 183 11.64 19.94 22.10
CA SER A 183 11.21 20.83 23.16
C SER A 183 11.49 22.30 22.87
N SER A 184 12.18 22.59 21.77
CA SER A 184 12.46 23.96 21.36
C SER A 184 12.96 23.92 19.94
N GLY A 185 12.94 25.07 19.30
CA GLY A 185 13.31 25.14 17.93
C GLY A 185 12.14 24.73 17.05
N PHE A 186 12.46 24.55 15.77
CA PHE A 186 11.48 24.19 14.75
C PHE A 186 10.23 25.06 14.84
N ASP A 187 10.43 26.36 15.13
CA ASP A 187 9.29 27.27 15.24
C ASP A 187 8.51 27.35 13.93
N TRP A 188 9.20 27.20 12.79
CA TRP A 188 8.52 27.25 11.50
C TRP A 188 7.45 26.17 11.36
N VAL A 189 7.57 25.08 12.12
CA VAL A 189 6.57 24.02 12.07
C VAL A 189 5.24 24.49 12.64
N THR A 190 5.28 25.05 13.87
CA THR A 190 4.08 25.34 14.61
C THR A 190 3.57 26.76 14.42
N ASP A 191 4.35 27.65 13.80
CA ASP A 191 3.87 29.01 13.53
C ASP A 191 3.02 29.09 12.28
N HIS A 192 2.99 28.04 11.47
CA HIS A 192 2.20 28.02 10.25
C HIS A 192 0.72 28.08 10.58
N SER A 193 -0.05 28.81 9.76
CA SER A 193 -1.46 29.02 10.07
CA SER A 193 -1.46 29.07 10.03
C SER A 193 -2.42 28.16 9.26
N GLY A 194 -1.95 27.44 8.26
CA GLY A 194 -2.80 26.64 7.41
C GLY A 194 -2.85 25.18 7.81
N LYS A 195 -2.99 24.31 6.82
CA LYS A 195 -3.07 22.88 7.04
C LYS A 195 -1.83 22.21 6.46
N THR A 196 -1.26 21.28 7.21
CA THR A 196 -0.02 20.59 6.85
C THR A 196 -0.25 19.10 6.85
N VAL A 197 0.28 18.43 5.84
CA VAL A 197 0.38 16.97 5.79
C VAL A 197 1.84 16.60 6.02
N TRP A 198 2.10 15.75 7.01
CA TRP A 198 3.45 15.40 7.43
C TRP A 198 3.61 13.91 7.22
N PHE A 199 4.48 13.53 6.28
CA PHE A 199 4.77 12.12 6.01
C PHE A 199 5.89 11.61 6.91
N VAL A 200 5.63 10.52 7.62
CA VAL A 200 6.58 9.91 8.55
C VAL A 200 6.88 8.50 8.09
N PRO A 201 8.05 7.94 8.46
CA PRO A 201 8.41 6.59 7.98
C PRO A 201 7.63 5.44 8.62
N SER A 202 6.94 5.66 9.73
CA SER A 202 6.36 4.52 10.43
C SER A 202 5.32 5.02 11.43
N VAL A 203 4.45 4.11 11.86
CA VAL A 203 3.39 4.47 12.79
C VAL A 203 3.98 4.95 14.11
N ARG A 204 5.01 4.27 14.60
CA ARG A 204 5.60 4.65 15.88
C ARG A 204 6.23 6.03 15.80
N ASN A 205 6.93 6.33 14.71
CA ASN A 205 7.46 7.68 14.54
C ASN A 205 6.34 8.69 14.45
N GLY A 206 5.23 8.34 13.78
CA GLY A 206 4.10 9.23 13.70
C GLY A 206 3.48 9.53 15.05
N ASN A 207 3.36 8.51 15.91
CA ASN A 207 2.79 8.73 17.25
C ASN A 207 3.62 9.75 18.03
N GLU A 208 4.95 9.68 17.91
CA GLU A 208 5.78 10.60 18.66
C GLU A 208 5.68 12.03 18.12
N ILE A 209 5.62 12.20 16.79
CA ILE A 209 5.49 13.54 16.26
CA ILE A 209 5.49 13.54 16.22
C ILE A 209 4.12 14.12 16.57
N ALA A 210 3.08 13.29 16.48
CA ALA A 210 1.72 13.77 16.71
C ALA A 210 1.51 14.22 18.15
N ALA A 211 2.02 13.45 19.12
CA ALA A 211 1.93 13.83 20.52
C ALA A 211 2.63 15.17 20.78
N CYS A 212 3.76 15.39 20.13
CA CYS A 212 4.49 16.64 20.28
C CYS A 212 3.71 17.82 19.69
N LEU A 213 3.02 17.59 18.58
CA LEU A 213 2.20 18.65 17.97
C LEU A 213 0.95 18.92 18.81
N THR A 214 0.31 17.86 19.28
CA THR A 214 -0.84 18.02 20.17
C THR A 214 -0.48 18.83 21.41
N LYS A 215 0.69 18.56 22.00
CA LYS A 215 1.16 19.32 23.15
C LYS A 215 1.34 20.80 22.82
N ALA A 216 1.65 21.13 21.58
CA ALA A 216 1.69 22.54 21.18
C ALA A 216 0.31 23.11 20.92
N GLY A 217 -0.74 22.33 21.11
CA GLY A 217 -2.10 22.82 20.90
C GLY A 217 -2.66 22.58 19.52
N LYS A 218 -1.93 21.88 18.65
CA LYS A 218 -2.40 21.60 17.30
C LYS A 218 -3.42 20.47 17.32
N ARG A 219 -4.37 20.55 16.39
CA ARG A 219 -5.32 19.46 16.19
C ARG A 219 -4.79 18.51 15.12
N VAL A 220 -4.51 17.27 15.51
CA VAL A 220 -3.76 16.33 14.70
C VAL A 220 -4.63 15.12 14.38
N ILE A 221 -4.61 14.70 13.12
CA ILE A 221 -5.18 13.44 12.67
C ILE A 221 -4.04 12.52 12.26
N GLN A 222 -4.07 11.27 12.73
CA GLN A 222 -3.04 10.30 12.38
C GLN A 222 -3.61 9.26 11.41
N LEU A 223 -2.87 8.96 10.34
CA LEU A 223 -3.30 8.01 9.31
C LEU A 223 -2.27 6.90 9.17
N SER A 224 -2.76 5.66 9.13
CA SER A 224 -1.95 4.49 8.86
C SER A 224 -2.81 3.48 8.10
N ARG A 225 -2.17 2.44 7.57
CA ARG A 225 -2.90 1.50 6.70
C ARG A 225 -4.08 0.86 7.42
N LYS A 226 -3.99 0.65 8.73
CA LYS A 226 -5.08 -0.02 9.39
C LYS A 226 -6.12 0.93 9.95
N THR A 227 -5.82 2.22 10.10
CA THR A 227 -6.79 3.20 10.55
C THR A 227 -7.31 4.10 9.43
N PHE A 228 -6.84 3.92 8.21
CA PHE A 228 -7.06 4.91 7.15
C PHE A 228 -8.55 5.14 6.91
N GLU A 229 -9.29 4.05 6.78
CA GLU A 229 -10.72 4.07 6.45
C GLU A 229 -11.51 5.00 7.36
N THR A 230 -11.38 4.78 8.66
CA THR A 230 -12.18 5.55 9.60
C THR A 230 -11.60 6.92 9.89
N GLU A 231 -10.27 7.06 9.88
CA GLU A 231 -9.67 8.33 10.24
C GLU A 231 -9.57 9.30 9.08
N PHE A 232 -9.50 8.83 7.84
CA PHE A 232 -9.48 9.75 6.71
C PHE A 232 -10.73 10.61 6.64
N GLN A 233 -11.87 10.07 7.07
CA GLN A 233 -13.11 10.84 7.09
C GLN A 233 -12.96 12.15 7.85
N LYS A 234 -12.19 12.12 8.95
CA LYS A 234 -11.99 13.33 9.74
C LYS A 234 -11.30 14.43 8.94
N THR A 235 -10.54 14.08 7.90
CA THR A 235 -9.84 15.11 7.13
C THR A 235 -10.77 15.93 6.26
N LYS A 236 -11.97 15.43 6.01
CA LYS A 236 -12.90 16.10 5.11
C LYS A 236 -13.62 17.25 5.79
N HIS A 237 -13.15 17.67 6.96
CA HIS A 237 -13.75 18.76 7.71
C HIS A 237 -12.76 19.89 7.88
N GLN A 238 -13.25 20.98 8.47
CA GLN A 238 -12.48 22.20 8.60
C GLN A 238 -11.50 22.18 9.78
N GLU A 239 -11.75 21.36 10.79
CA GLU A 239 -11.14 21.54 12.13
C GLU A 239 -9.91 20.65 12.33
N TRP A 240 -8.89 20.80 11.49
CA TRP A 240 -7.62 20.14 11.77
C TRP A 240 -6.48 21.02 11.29
N ASP A 241 -5.32 20.81 11.91
CA ASP A 241 -4.10 21.56 11.58
C ASP A 241 -3.04 20.69 10.91
N PHE A 242 -2.84 19.46 11.41
CA PHE A 242 -1.88 18.52 10.87
C PHE A 242 -2.54 17.17 10.63
N VAL A 243 -2.23 16.58 9.49
CA VAL A 243 -2.32 15.13 9.30
C VAL A 243 -0.90 14.56 9.35
N VAL A 244 -0.70 13.59 10.25
CA VAL A 244 0.54 12.85 10.36
C VAL A 244 0.28 11.46 9.79
N THR A 245 0.97 11.10 8.70
CA THR A 245 0.59 9.93 7.91
C THR A 245 1.82 9.16 7.44
N THR A 246 1.66 7.83 7.33
CA THR A 246 2.62 6.99 6.66
C THR A 246 2.42 7.08 5.14
N ASP A 247 3.21 6.31 4.40
CA ASP A 247 3.18 6.37 2.94
C ASP A 247 1.82 5.97 2.33
N ILE A 248 0.86 5.46 3.12
CA ILE A 248 -0.45 5.08 2.55
C ILE A 248 -1.13 6.28 1.89
N SER A 249 -0.84 7.49 2.35
CA SER A 249 -1.48 8.67 1.78
C SER A 249 -0.90 9.07 0.43
N GLU A 250 0.13 8.37 -0.06
CA GLU A 250 0.59 8.54 -1.44
C GLU A 250 -0.37 7.96 -2.49
N MET A 251 -1.37 7.17 -2.08
CA MET A 251 -2.21 6.40 -3.02
C MET A 251 -3.54 7.11 -3.25
N GLY A 252 -3.45 8.29 -3.88
CA GLY A 252 -4.65 8.99 -4.29
C GLY A 252 -5.48 9.59 -3.18
N ALA A 253 -4.88 9.84 -2.01
CA ALA A 253 -5.56 10.52 -0.93
C ALA A 253 -5.56 12.01 -1.23
N ASN A 254 -6.73 12.63 -1.22
CA ASN A 254 -6.89 14.05 -1.52
C ASN A 254 -7.10 14.83 -0.24
N PHE A 255 -6.26 15.84 -0.01
CA PHE A 255 -6.41 16.73 1.13
C PHE A 255 -6.60 18.15 0.60
N LYS A 256 -7.14 19.01 1.43
CA LYS A 256 -7.12 20.44 1.17
C LYS A 256 -6.06 21.05 2.08
N ALA A 257 -4.81 20.97 1.65
CA ALA A 257 -3.69 21.41 2.47
C ALA A 257 -2.89 22.46 1.74
N ASP A 258 -2.16 23.23 2.54
CA ASP A 258 -1.27 24.28 2.06
C ASP A 258 0.20 23.87 2.11
N ARG A 259 0.54 22.85 2.88
CA ARG A 259 1.94 22.53 3.12
C ARG A 259 2.11 21.03 3.28
N VAL A 260 3.20 20.49 2.72
CA VAL A 260 3.61 19.12 3.00
C VAL A 260 4.97 19.18 3.68
N ILE A 261 5.10 18.49 4.80
CA ILE A 261 6.41 18.24 5.40
C ILE A 261 6.76 16.78 5.14
N ASP A 262 7.92 16.54 4.54
CA ASP A 262 8.31 15.21 4.11
C ASP A 262 9.67 14.85 4.71
N SER A 263 9.66 13.89 5.65
CA SER A 263 10.91 13.33 6.16
C SER A 263 11.79 12.78 5.02
N ARG A 264 11.19 12.41 3.89
CA ARG A 264 11.88 11.71 2.81
C ARG A 264 12.45 10.37 3.27
N ARG A 265 11.83 9.74 4.27
CA ARG A 265 12.31 8.46 4.77
C ARG A 265 11.15 7.46 4.86
N CYS A 266 11.54 6.19 4.82
CA CYS A 266 10.62 5.06 4.87
C CYS A 266 11.35 3.92 5.56
N LEU A 267 10.58 2.91 5.97
CA LEU A 267 11.15 1.66 6.45
C LEU A 267 11.04 0.62 5.35
N LYS A 268 12.03 -0.27 5.30
CA LYS A 268 12.07 -1.29 4.27
C LYS A 268 12.06 -2.67 4.93
N PRO A 269 11.03 -3.48 4.70
CA PRO A 269 11.08 -4.87 5.14
C PRO A 269 12.12 -5.63 4.32
N VAL A 270 12.99 -6.37 5.02
CA VAL A 270 14.05 -7.14 4.37
C VAL A 270 14.05 -8.55 4.93
N ILE A 271 14.06 -9.53 4.04
CA ILE A 271 14.25 -10.93 4.44
C ILE A 271 15.75 -11.18 4.56
N LEU A 272 16.23 -11.36 5.78
CA LEU A 272 17.62 -11.73 6.02
C LEU A 272 17.80 -13.22 5.83
N ASP A 273 18.51 -13.61 4.77
CA ASP A 273 18.95 -14.99 4.56
C ASP A 273 17.80 -15.97 4.48
N GLY A 274 16.61 -15.52 4.08
CA GLY A 274 15.48 -16.42 4.03
C GLY A 274 14.94 -16.89 5.36
N GLU A 275 15.41 -16.34 6.47
CA GLU A 275 15.04 -16.86 7.78
C GLU A 275 14.25 -15.90 8.65
N ARG A 276 14.36 -14.59 8.45
CA ARG A 276 13.59 -13.64 9.24
C ARG A 276 13.37 -12.36 8.44
N VAL A 277 12.41 -11.56 8.89
CA VAL A 277 12.15 -10.24 8.29
C VAL A 277 12.49 -9.18 9.33
N ILE A 278 13.37 -8.25 8.95
CA ILE A 278 13.69 -7.08 9.75
C ILE A 278 13.11 -5.85 9.06
N LEU A 279 12.94 -4.79 9.82
CA LEU A 279 12.58 -3.48 9.26
C LEU A 279 13.83 -2.62 9.22
N ALA A 280 14.35 -2.39 8.01
CA ALA A 280 15.60 -1.67 7.84
C ALA A 280 15.35 -0.18 7.64
N GLY A 281 16.25 0.63 8.18
CA GLY A 281 16.10 2.08 8.06
C GLY A 281 15.87 2.79 9.39
N PRO A 282 15.32 4.02 9.36
CA PRO A 282 14.77 4.77 8.22
C PRO A 282 15.79 5.10 7.14
N MET A 283 15.40 4.95 5.89
CA MET A 283 16.28 5.18 4.75
C MET A 283 15.53 5.95 3.67
N PRO A 284 16.24 6.49 2.67
CA PRO A 284 15.58 7.35 1.67
C PRO A 284 14.44 6.65 0.93
N VAL A 285 13.42 7.43 0.58
CA VAL A 285 12.29 7.00 -0.23
C VAL A 285 12.70 7.02 -1.71
N THR A 286 11.93 6.35 -2.55
CA THR A 286 12.12 6.42 -3.99
C THR A 286 11.68 7.78 -4.51
N HIS A 287 12.12 8.08 -5.74
CA HIS A 287 11.67 9.30 -6.40
C HIS A 287 10.15 9.29 -6.60
N ALA A 288 9.58 8.11 -6.92
CA ALA A 288 8.13 8.02 -7.09
C ALA A 288 7.40 8.38 -5.80
N SER A 289 7.88 7.85 -4.67
CA SER A 289 7.27 8.19 -3.38
CA SER A 289 7.26 8.19 -3.39
C SER A 289 7.39 9.68 -3.09
N ALA A 290 8.58 10.26 -3.31
CA ALA A 290 8.76 11.68 -3.03
C ALA A 290 7.82 12.53 -3.87
N ALA A 291 7.65 12.15 -5.15
CA ALA A 291 6.77 12.92 -6.03
C ALA A 291 5.31 12.81 -5.60
N GLN A 292 4.89 11.62 -5.15
CA GLN A 292 3.50 11.46 -4.72
C GLN A 292 3.24 12.21 -3.41
N ARG A 293 4.21 12.23 -2.51
CA ARG A 293 4.05 13.00 -1.28
C ARG A 293 3.91 14.47 -1.59
N ARG A 294 4.87 15.02 -2.35
CA ARG A 294 4.79 16.42 -2.78
C ARG A 294 3.50 16.69 -3.55
N GLY A 295 3.05 15.72 -4.34
CA GLY A 295 1.82 15.89 -5.11
C GLY A 295 0.52 15.99 -4.32
N ARG A 296 0.55 15.89 -2.99
CA ARG A 296 -0.64 16.19 -2.18
C ARG A 296 -1.00 17.67 -2.22
N ILE A 297 -0.07 18.57 -2.57
CA ILE A 297 -0.36 20.01 -2.58
C ILE A 297 -0.07 20.56 -3.97
N GLY A 298 -0.31 21.86 -4.15
CA GLY A 298 -0.23 22.43 -5.49
C GLY A 298 -1.34 22.01 -6.43
N ARG A 299 -2.46 21.50 -5.89
CA ARG A 299 -3.52 20.91 -6.71
C ARG A 299 -4.60 21.89 -7.14
N ASN A 300 -4.66 23.07 -6.53
CA ASN A 300 -5.66 24.07 -6.90
C ASN A 300 -5.05 25.08 -7.84
N PRO A 301 -5.42 25.08 -9.13
CA PRO A 301 -4.74 25.98 -10.09
C PRO A 301 -4.93 27.46 -9.77
N ASN A 302 -5.90 27.81 -8.94
CA ASN A 302 -6.15 29.21 -8.59
C ASN A 302 -5.56 29.58 -7.24
N LYS A 303 -4.74 28.71 -6.65
CA LYS A 303 -4.24 28.90 -5.29
C LYS A 303 -2.73 28.70 -5.27
N PRO A 304 -1.97 29.75 -5.55
CA PRO A 304 -0.51 29.64 -5.49
C PRO A 304 -0.03 29.64 -4.05
N GLY A 305 1.25 29.32 -3.88
CA GLY A 305 1.92 29.46 -2.59
C GLY A 305 2.05 28.18 -1.79
N ASP A 306 1.61 27.05 -2.30
CA ASP A 306 1.74 25.81 -1.55
C ASP A 306 3.22 25.47 -1.40
N GLU A 307 3.55 24.81 -0.28
CA GLU A 307 4.94 24.66 0.16
C GLU A 307 5.25 23.19 0.41
N TYR A 308 6.39 22.73 -0.11
CA TYR A 308 6.89 21.37 0.12
C TYR A 308 8.25 21.48 0.80
N LEU A 309 8.31 21.06 2.07
CA LEU A 309 9.51 21.12 2.89
C LEU A 309 10.01 19.70 3.09
N TYR A 310 11.23 19.40 2.65
CA TYR A 310 11.68 18.02 2.56
C TYR A 310 13.04 17.87 3.24
N GLY A 311 13.28 16.68 3.80
CA GLY A 311 14.41 16.54 4.69
C GLY A 311 15.61 15.74 4.22
N GLY A 312 15.71 15.43 2.94
CA GLY A 312 16.82 14.64 2.45
C GLY A 312 16.61 14.23 1.01
N GLY A 313 17.51 13.38 0.52
CA GLY A 313 17.47 12.96 -0.87
C GLY A 313 16.66 11.69 -1.08
N CYS A 314 16.61 11.23 -2.33
CA CYS A 314 15.92 10.00 -2.71
C CYS A 314 16.92 8.93 -3.15
N ALA A 315 16.46 7.68 -3.09
CA ALA A 315 17.27 6.55 -3.53
C ALA A 315 16.34 5.50 -4.11
N GLU A 316 16.83 4.78 -5.11
CA GLU A 316 16.00 3.75 -5.74
C GLU A 316 16.00 2.47 -4.91
N THR A 317 14.90 1.73 -5.02
CA THR A 317 14.73 0.49 -4.27
C THR A 317 15.83 -0.49 -4.59
N ASP A 318 16.34 -1.17 -3.57
CA ASP A 318 17.41 -2.15 -3.74
C ASP A 318 16.83 -3.50 -4.14
N GLU A 319 17.72 -4.47 -4.33
CA GLU A 319 17.32 -5.83 -4.69
C GLU A 319 16.47 -6.49 -3.61
N ASP A 320 16.49 -5.95 -2.38
CA ASP A 320 16.13 -6.70 -1.18
C ASP A 320 14.83 -6.24 -0.53
N HIS A 321 14.00 -5.44 -1.20
CA HIS A 321 12.72 -5.07 -0.62
C HIS A 321 11.78 -6.27 -0.65
N ALA A 322 11.36 -6.73 0.53
CA ALA A 322 10.57 -7.95 0.66
C ALA A 322 9.23 -7.89 -0.09
N HIS A 323 8.67 -6.70 -0.37
CA HIS A 323 7.36 -6.69 -1.00
C HIS A 323 7.36 -7.37 -2.38
N TRP A 324 8.45 -7.30 -3.12
CA TRP A 324 8.41 -7.93 -4.43
C TRP A 324 8.54 -9.45 -4.33
N LEU A 325 9.28 -9.96 -3.34
CA LEU A 325 9.32 -11.40 -3.10
C LEU A 325 7.96 -11.93 -2.62
N GLU A 326 7.34 -11.22 -1.66
CA GLU A 326 5.98 -11.56 -1.24
C GLU A 326 5.00 -11.54 -2.41
N ALA A 327 5.16 -10.62 -3.36
CA ALA A 327 4.26 -10.68 -4.52
C ALA A 327 4.41 -11.98 -5.30
N ARG A 328 5.64 -12.51 -5.39
CA ARG A 328 5.85 -13.78 -6.08
C ARG A 328 5.24 -14.93 -5.30
N MET A 329 5.26 -14.87 -3.96
CA MET A 329 4.55 -15.88 -3.17
C MET A 329 3.07 -15.90 -3.51
N LEU A 330 2.48 -14.72 -3.72
CA LEU A 330 1.07 -14.65 -4.10
C LEU A 330 0.84 -15.19 -5.51
N LEU A 331 1.64 -14.73 -6.48
CA LEU A 331 1.41 -15.11 -7.86
C LEU A 331 1.67 -16.60 -8.10
N ASP A 332 2.64 -17.19 -7.39
CA ASP A 332 2.86 -18.64 -7.48
C ASP A 332 1.65 -19.44 -7.03
N ASN A 333 0.67 -18.82 -6.38
CA ASN A 333 -0.49 -19.53 -5.87
C ASN A 333 -1.80 -19.05 -6.48
N ILE A 334 -1.74 -18.40 -7.64
CA ILE A 334 -2.90 -17.90 -8.34
C ILE A 334 -3.04 -18.68 -9.65
N TYR A 335 -4.24 -19.20 -9.91
CA TYR A 335 -4.49 -19.95 -11.14
C TYR A 335 -4.55 -19.03 -12.34
N LEU A 336 -3.97 -19.47 -13.46
CA LEU A 336 -4.04 -18.68 -14.68
C LEU A 336 -4.59 -19.47 -15.86
N GLN A 337 -3.89 -20.51 -16.29
CA GLN A 337 -4.34 -21.32 -17.42
C GLN A 337 -3.53 -22.61 -17.42
N ASP A 338 -4.18 -23.71 -17.07
CA ASP A 338 -3.50 -24.99 -16.92
C ASP A 338 -2.32 -24.86 -15.96
N GLY A 339 -1.11 -25.14 -16.42
CA GLY A 339 0.05 -25.08 -15.54
C GLY A 339 0.80 -23.76 -15.49
N LEU A 340 0.25 -22.69 -16.07
CA LEU A 340 1.00 -21.44 -16.20
C LEU A 340 0.98 -20.65 -14.89
N ILE A 341 2.03 -19.88 -14.66
CA ILE A 341 2.13 -18.96 -13.53
C ILE A 341 2.41 -17.57 -14.09
N ALA A 342 1.73 -16.56 -13.54
CA ALA A 342 1.93 -15.19 -14.02
C ALA A 342 3.29 -14.63 -13.62
N SER A 343 3.86 -13.80 -14.50
CA SER A 343 5.09 -13.09 -14.22
C SER A 343 4.78 -11.73 -13.59
N LEU A 344 5.76 -11.15 -12.92
CA LEU A 344 5.67 -9.75 -12.52
C LEU A 344 5.65 -8.85 -13.74
N TYR A 345 4.95 -7.72 -13.59
CA TYR A 345 5.00 -6.65 -14.59
C TYR A 345 6.46 -6.31 -14.90
N ARG A 346 6.81 -6.31 -16.19
CA ARG A 346 8.20 -6.34 -16.64
C ARG A 346 9.10 -5.27 -16.02
N PRO A 347 8.72 -3.99 -15.95
CA PRO A 347 9.61 -3.00 -15.27
C PRO A 347 9.85 -3.29 -13.79
N GLU A 348 9.13 -4.24 -13.18
CA GLU A 348 9.32 -4.62 -11.78
C GLU A 348 9.99 -5.97 -11.62
N ALA A 349 10.16 -6.73 -12.71
CA ALA A 349 10.54 -8.13 -12.62
C ALA A 349 12.00 -8.33 -12.22
N ASP A 350 12.81 -7.28 -12.28
CA ASP A 350 14.23 -7.39 -11.92
C ASP A 350 14.49 -7.38 -10.43
N LYS A 351 13.51 -6.97 -9.62
CA LYS A 351 13.75 -6.75 -8.19
C LYS A 351 13.82 -8.05 -7.40
N VAL A 352 13.34 -9.17 -7.93
CA VAL A 352 13.26 -10.42 -7.19
C VAL A 352 14.19 -11.44 -7.82
N ALA A 353 14.83 -12.25 -6.97
CA ALA A 353 15.69 -13.32 -7.43
C ALA A 353 15.00 -14.69 -7.47
N ALA A 354 13.91 -14.85 -6.74
CA ALA A 354 13.19 -16.14 -6.74
C ALA A 354 12.77 -16.51 -8.15
N ILE A 355 12.64 -17.81 -8.39
CA ILE A 355 12.27 -18.28 -9.71
C ILE A 355 10.79 -18.67 -9.70
N GLU A 356 10.16 -18.48 -10.84
CA GLU A 356 8.75 -18.81 -11.01
C GLU A 356 8.46 -20.20 -10.45
N GLY A 357 7.48 -20.27 -9.54
CA GLY A 357 6.95 -21.53 -9.06
C GLY A 357 7.52 -22.01 -7.75
N GLU A 358 8.63 -21.43 -7.30
CA GLU A 358 9.29 -21.82 -6.06
C GLU A 358 8.34 -21.78 -4.86
N PHE A 359 7.34 -20.91 -4.88
CA PHE A 359 6.47 -20.77 -3.72
C PHE A 359 5.12 -21.45 -3.88
N LYS A 360 4.90 -22.23 -4.93
CA LYS A 360 3.59 -22.87 -5.11
C LYS A 360 3.30 -23.86 -3.97
N LEU A 361 2.07 -23.82 -3.46
CA LEU A 361 1.65 -24.70 -2.37
C LEU A 361 0.63 -25.70 -2.88
N ARG A 362 0.60 -26.88 -2.26
CA ARG A 362 -0.49 -27.80 -2.54
C ARG A 362 -1.77 -27.30 -1.88
N THR A 363 -2.89 -27.90 -2.28
CA THR A 363 -4.21 -27.28 -2.09
C THR A 363 -4.47 -26.90 -0.63
N GLU A 364 -4.19 -27.82 0.29
CA GLU A 364 -4.59 -27.59 1.68
C GLU A 364 -3.68 -26.56 2.37
N GLN A 365 -2.38 -26.61 2.09
CA GLN A 365 -1.47 -25.59 2.62
C GLN A 365 -1.80 -24.22 2.04
N ARG A 366 -2.24 -24.18 0.79
CA ARG A 366 -2.59 -22.92 0.17
C ARG A 366 -3.82 -22.30 0.82
N LYS A 367 -4.79 -23.13 1.24
CA LYS A 367 -5.92 -22.59 1.98
C LYS A 367 -5.48 -21.99 3.32
N THR A 368 -4.60 -22.68 4.03
CA THR A 368 -4.05 -22.14 5.26
C THR A 368 -3.32 -20.82 5.02
N PHE A 369 -2.56 -20.75 3.93
CA PHE A 369 -1.82 -19.54 3.56
C PHE A 369 -2.75 -18.36 3.44
N VAL A 370 -3.84 -18.53 2.68
CA VAL A 370 -4.80 -17.43 2.51
C VAL A 370 -5.50 -17.11 3.82
N GLU A 371 -5.82 -18.13 4.64
CA GLU A 371 -6.50 -17.88 5.91
C GLU A 371 -5.62 -17.08 6.86
N LEU A 372 -4.33 -17.44 6.97
CA LEU A 372 -3.41 -16.70 7.83
C LEU A 372 -3.32 -15.24 7.44
N MET A 373 -3.37 -14.95 6.13
CA MET A 373 -3.32 -13.56 5.68
C MET A 373 -4.66 -12.84 5.89
N LYS A 374 -5.76 -13.45 5.48
CA LYS A 374 -7.04 -12.75 5.53
C LYS A 374 -7.61 -12.69 6.96
N ARG A 375 -7.65 -13.82 7.66
CA ARG A 375 -8.20 -13.89 9.00
C ARG A 375 -7.17 -13.59 10.08
N GLY A 376 -5.93 -14.01 9.89
CA GLY A 376 -4.94 -13.73 10.91
C GLY A 376 -4.27 -12.38 10.79
N ASP A 377 -4.41 -11.72 9.64
CA ASP A 377 -3.71 -10.46 9.35
C ASP A 377 -2.20 -10.64 9.52
N LEU A 378 -1.70 -11.81 9.13
CA LEU A 378 -0.25 -11.94 9.14
C LEU A 378 0.37 -11.42 7.84
N PRO A 379 1.60 -10.89 7.88
CA PRO A 379 2.28 -10.54 6.62
C PRO A 379 2.41 -11.77 5.72
N VAL A 380 2.45 -11.52 4.42
CA VAL A 380 2.59 -12.58 3.42
C VAL A 380 3.75 -13.51 3.79
N TRP A 381 4.96 -12.96 3.99
CA TRP A 381 6.13 -13.85 4.21
C TRP A 381 5.88 -14.78 5.39
N LEU A 382 5.34 -14.24 6.48
CA LEU A 382 5.10 -15.04 7.67
C LEU A 382 4.03 -16.10 7.43
N ALA A 383 2.93 -15.73 6.75
CA ALA A 383 1.88 -16.69 6.46
C ALA A 383 2.39 -17.83 5.61
N TYR A 384 3.29 -17.52 4.67
CA TYR A 384 3.88 -18.60 3.87
C TYR A 384 4.67 -19.56 4.72
N GLN A 385 5.51 -19.04 5.64
CA GLN A 385 6.37 -19.92 6.43
C GLN A 385 5.52 -20.91 7.22
N VAL A 386 4.45 -20.42 7.84
CA VAL A 386 3.58 -21.28 8.65
C VAL A 386 2.86 -22.29 7.77
N ALA A 387 2.30 -21.83 6.64
CA ALA A 387 1.54 -22.71 5.77
C ALA A 387 2.41 -23.81 5.18
N SER A 388 3.62 -23.45 4.74
CA SER A 388 4.47 -24.43 4.11
C SER A 388 5.11 -25.37 5.12
N ALA A 389 5.05 -25.04 6.40
CA ALA A 389 5.48 -25.94 7.47
C ALA A 389 4.45 -27.02 7.76
N GLY A 390 3.31 -27.00 7.08
CA GLY A 390 2.24 -27.93 7.35
C GLY A 390 1.43 -27.62 8.57
N ILE A 391 1.53 -26.40 9.11
CA ILE A 391 0.74 -26.04 10.28
C ILE A 391 -0.65 -25.62 9.84
N THR A 392 -1.66 -26.03 10.59
CA THR A 392 -3.02 -25.62 10.25
C THR A 392 -3.36 -24.28 10.90
N TYR A 393 -4.38 -23.61 10.36
CA TYR A 393 -4.69 -22.24 10.75
C TYR A 393 -4.90 -22.09 12.26
N THR A 394 -5.60 -23.04 12.89
CA THR A 394 -5.94 -22.89 14.30
C THR A 394 -4.86 -23.38 15.25
N ASP A 395 -3.74 -23.93 14.75
CA ASP A 395 -2.65 -24.40 15.60
C ASP A 395 -1.68 -23.26 15.86
N ARG A 396 -1.68 -22.73 17.08
CA ARG A 396 -0.87 -21.57 17.42
C ARG A 396 0.38 -21.93 18.23
N ARG A 397 0.80 -23.20 18.26
CA ARG A 397 1.96 -23.57 19.07
C ARG A 397 3.23 -22.89 18.56
N TRP A 398 3.31 -22.64 17.25
CA TRP A 398 4.49 -22.00 16.68
C TRP A 398 4.74 -20.60 17.20
N CYS A 399 3.71 -19.93 17.72
CA CYS A 399 3.89 -18.59 18.28
C CYS A 399 4.75 -18.60 19.55
N PHE A 400 4.97 -19.76 20.15
CA PHE A 400 5.65 -19.86 21.43
C PHE A 400 6.89 -20.74 21.43
N ASP A 401 7.24 -21.41 20.33
CA ASP A 401 8.31 -22.38 20.41
C ASP A 401 9.55 -22.00 19.60
N GLY A 402 9.76 -20.72 19.33
CA GLY A 402 10.92 -20.30 18.57
C GLY A 402 12.17 -20.28 19.44
N THR A 403 13.25 -19.78 18.87
CA THR A 403 14.46 -19.62 19.65
C THR A 403 14.40 -18.35 20.51
N THR A 404 15.32 -18.28 21.47
CA THR A 404 15.35 -17.17 22.42
C THR A 404 15.51 -15.84 21.71
N ASN A 405 16.29 -15.80 20.62
CA ASN A 405 16.47 -14.55 19.91
C ASN A 405 15.17 -14.02 19.33
N ASN A 406 14.17 -14.88 19.17
CA ASN A 406 12.87 -14.48 18.61
C ASN A 406 11.89 -13.99 19.67
N THR A 407 12.31 -13.87 20.93
CA THR A 407 11.41 -13.39 21.97
C THR A 407 10.92 -11.98 21.67
N ILE A 408 9.61 -11.78 21.74
CA ILE A 408 9.02 -10.47 21.47
C ILE A 408 8.94 -9.70 22.78
N MET A 409 9.43 -8.46 22.78
CA MET A 409 9.46 -7.60 23.95
C MET A 409 8.41 -6.52 23.84
N GLU A 410 7.81 -6.15 24.96
CA GLU A 410 7.06 -4.90 25.05
C GLU A 410 7.51 -4.19 26.32
N ASP A 411 7.79 -2.89 26.18
CA ASP A 411 8.50 -2.07 27.17
C ASP A 411 9.64 -2.84 27.84
N SER A 412 10.55 -3.35 26.99
CA SER A 412 11.82 -3.97 27.40
C SER A 412 11.64 -5.18 28.31
N VAL A 413 10.49 -5.84 28.26
CA VAL A 413 10.23 -7.06 29.02
C VAL A 413 9.53 -8.05 28.11
N PRO A 414 9.82 -9.36 28.22
CA PRO A 414 9.17 -10.33 27.33
C PRO A 414 7.65 -10.26 27.39
N ALA A 415 7.03 -10.17 26.22
CA ALA A 415 5.58 -10.17 26.13
C ALA A 415 5.03 -11.54 26.46
N GLU A 416 3.98 -11.59 27.27
CA GLU A 416 3.31 -12.83 27.63
C GLU A 416 1.85 -12.79 27.23
N VAL A 417 1.28 -13.97 27.03
CA VAL A 417 -0.09 -14.15 26.54
C VAL A 417 -0.74 -15.30 27.30
N TRP A 418 -2.04 -15.13 27.61
CA TRP A 418 -2.87 -16.24 28.06
C TRP A 418 -3.40 -17.00 26.85
N THR A 419 -3.01 -18.26 26.71
CA THR A 419 -3.45 -19.04 25.56
C THR A 419 -4.89 -19.51 25.73
N ARG A 420 -5.47 -19.95 24.61
CA ARG A 420 -6.79 -20.56 24.64
C ARG A 420 -6.89 -21.68 25.66
N HIS A 421 -5.78 -22.35 25.96
CA HIS A 421 -5.78 -23.52 26.82
C HIS A 421 -5.50 -23.19 28.28
N GLY A 422 -5.43 -21.91 28.64
CA GLY A 422 -5.27 -21.55 30.03
C GLY A 422 -3.84 -21.49 30.55
N GLU A 423 -2.84 -21.50 29.68
CA GLU A 423 -1.47 -21.32 30.12
C GLU A 423 -0.95 -19.95 29.70
N LYS A 424 -0.13 -19.36 30.55
CA LYS A 424 0.52 -18.09 30.25
C LYS A 424 1.88 -18.40 29.63
N ARG A 425 2.12 -17.90 28.42
CA ARG A 425 3.34 -18.21 27.69
C ARG A 425 4.01 -16.95 27.19
N VAL A 426 5.34 -17.00 27.11
CA VAL A 426 6.11 -15.91 26.52
C VAL A 426 5.98 -15.98 25.01
N LEU A 427 5.71 -14.85 24.38
CA LEU A 427 5.61 -14.77 22.92
C LEU A 427 6.99 -14.90 22.28
N LYS A 428 7.17 -15.98 21.52
CA LYS A 428 8.49 -16.36 21.00
C LYS A 428 8.26 -17.15 19.71
N PRO A 429 7.90 -16.47 18.62
CA PRO A 429 7.49 -17.19 17.41
C PRO A 429 8.64 -17.90 16.71
N ARG A 430 8.30 -19.03 16.10
CA ARG A 430 9.30 -19.84 15.43
C ARG A 430 9.92 -19.08 14.25
N TRP A 431 9.15 -18.22 13.59
CA TRP A 431 9.60 -17.33 12.53
C TRP A 431 9.36 -15.90 12.97
N MET A 432 10.39 -15.07 12.90
CA MET A 432 10.32 -13.69 13.36
C MET A 432 10.10 -12.76 12.16
N ASP A 433 8.97 -12.06 12.13
CA ASP A 433 8.68 -11.01 11.16
C ASP A 433 8.47 -9.72 11.96
N ALA A 434 9.40 -8.77 11.82
CA ALA A 434 9.36 -7.56 12.65
C ALA A 434 8.07 -6.77 12.50
N ARG A 435 7.32 -6.98 11.41
CA ARG A 435 6.10 -6.21 11.17
C ARG A 435 4.96 -6.59 12.12
N VAL A 436 5.02 -7.74 12.79
CA VAL A 436 3.95 -8.08 13.73
C VAL A 436 4.12 -7.42 15.07
N CYS A 437 5.22 -6.72 15.31
CA CYS A 437 5.44 -6.10 16.61
C CYS A 437 6.11 -4.73 16.48
N SER A 438 5.81 -4.02 15.40
CA SER A 438 6.47 -2.77 15.08
C SER A 438 5.82 -1.56 15.72
N ASP A 439 4.58 -1.71 16.20
CA ASP A 439 3.85 -0.63 16.85
C ASP A 439 2.80 -1.27 17.77
N HIS A 440 2.18 -0.44 18.59
CA HIS A 440 1.29 -0.95 19.64
C HIS A 440 0.11 -1.72 19.05
N ALA A 441 -0.51 -1.18 18.00
CA ALA A 441 -1.67 -1.85 17.41
C ALA A 441 -1.27 -3.16 16.76
N ALA A 442 -0.10 -3.23 16.12
CA ALA A 442 0.31 -4.47 15.48
C ALA A 442 0.57 -5.56 16.52
N LEU A 443 1.23 -5.19 17.61
CA LEU A 443 1.52 -6.17 18.65
C LEU A 443 0.24 -6.68 19.29
N LYS A 444 -0.71 -5.78 19.56
CA LYS A 444 -1.98 -6.20 20.14
C LYS A 444 -2.67 -7.23 19.26
N SER A 445 -2.69 -6.98 17.94
CA SER A 445 -3.31 -7.94 17.03
CA SER A 445 -3.31 -7.94 17.03
C SER A 445 -2.57 -9.28 17.05
N PHE A 446 -1.24 -9.25 17.09
CA PHE A 446 -0.50 -10.52 17.07
C PHE A 446 -0.67 -11.26 18.39
N LYS A 447 -0.70 -10.54 19.51
CA LYS A 447 -0.97 -11.19 20.79
C LYS A 447 -2.34 -11.87 20.81
N GLU A 448 -3.36 -11.22 20.25
CA GLU A 448 -4.68 -11.85 20.15
C GLU A 448 -4.65 -13.09 19.26
N PHE A 449 -3.95 -13.00 18.11
CA PHE A 449 -3.79 -14.18 17.25
C PHE A 449 -3.11 -15.31 18.00
N ALA A 450 -2.03 -15.00 18.74
CA ALA A 450 -1.32 -16.07 19.42
C ALA A 450 -2.18 -16.70 20.52
N ALA A 451 -3.12 -15.94 21.07
CA ALA A 451 -4.00 -16.46 22.10
C ALA A 451 -5.18 -17.27 21.56
N GLY A 452 -5.31 -17.39 20.24
CA GLY A 452 -6.48 -18.02 19.66
C GLY A 452 -7.73 -17.15 19.61
N LYS A 453 -7.58 -15.85 19.79
CA LYS A 453 -8.69 -14.90 19.77
C LYS A 453 -8.61 -14.05 18.52
N ARG A 454 -9.70 -13.32 18.25
CA ARG A 454 -9.74 -12.43 17.09
C ARG A 454 -10.75 -11.32 17.37
N ALA A 455 -10.29 -10.09 17.22
CA ALA A 455 -11.15 -8.93 17.47
C ALA A 455 -12.19 -8.79 16.37
N ALA A 456 -13.36 -8.31 16.75
CA ALA A 456 -14.45 -8.10 15.79
C ALA A 456 -13.97 -7.26 14.61
N ALA A 457 -14.10 -7.81 13.42
CA ALA A 457 -13.68 -7.13 12.19
C ALA A 457 -14.51 -5.89 11.93
PG GSP B . -3.07 11.93 -8.71
O3B GSP B . -4.05 13.09 -9.10
S1G GSP B . -1.45 11.58 -9.56
O2G GSP B . -2.73 12.34 -7.20
O3G GSP B . -3.88 10.59 -8.32
PB GSP B . -5.16 12.88 -10.48
O1B GSP B . -4.17 13.03 -11.59
O2B GSP B . -5.79 11.54 -10.17
PA GSP B . -7.67 13.73 -9.87
O1A GSP B . -8.41 13.11 -11.03
O2A GSP B . -7.41 13.03 -8.56
O3A GSP B . -6.22 14.08 -10.43
O5' GSP B . -8.42 15.15 -9.39
C5' GSP B . -7.59 16.19 -9.79
C4' GSP B . -7.69 17.23 -8.69
O4' GSP B . -8.74 18.17 -8.99
C3' GSP B . -8.20 16.61 -7.36
O3' GSP B . -7.21 15.85 -6.78
C2' GSP B . -8.44 17.89 -6.59
O2' GSP B . -7.26 18.50 -6.20
C1' GSP B . -9.10 18.77 -7.72
N9 GSP B . -10.60 18.88 -7.55
C8 GSP B . -11.45 19.79 -8.26
N7 GSP B . -12.75 19.68 -7.91
C5 GSP B . -12.77 18.68 -6.93
C6 GSP B . -13.94 18.19 -6.24
O6 GSP B . -15.11 18.53 -6.34
N1 GSP B . -13.63 17.15 -5.29
C2 GSP B . -12.30 16.70 -5.10
N2 GSP B . -12.12 15.70 -4.17
N3 GSP B . -11.18 17.13 -5.73
C4 GSP B . -11.48 18.15 -6.67
CL CL C . 1.03 2.12 7.66
MG MG D . -5.44 9.75 -9.07
MG MG E . -1.35 20.47 -16.05
#